data_9V51
#
_entry.id   9V51
#
_cell.length_a   37.780
_cell.length_b   50.808
_cell.length_c   217.816
_cell.angle_alpha   90.00
_cell.angle_beta   90.00
_cell.angle_gamma   90.00
#
_symmetry.space_group_name_H-M   'C 2 2 21'
#
loop_
_entity.id
_entity.type
_entity.pdbx_description
1 polymer 'RNA (71-MER)'
2 non-polymer 5,6,7,8-TETRAHYDROBIOPTERIN
3 non-polymer 'MAGNESIUM ION'
4 water water
#
_entity_poly.entity_id   1
_entity_poly.type   'polyribonucleotide'
_entity_poly.pdbx_seq_one_letter_code
;(GTP)GGUUGUAUAAGCUCGUUAAUUUGGAAUGAGCGUAUCUACAGGCAACCGUAAAUUGCCCCAGGCUACAAU(CCC)
;
_entity_poly.pdbx_strand_id   A
#